data_4UBE
#
_entry.id   4UBE
#
_cell.length_a   71.916
_cell.length_b   71.916
_cell.length_c   110.521
_cell.angle_alpha   90.00
_cell.angle_beta   90.00
_cell.angle_gamma   120.00
#
_symmetry.space_group_name_H-M   'P 31 2 1'
#
loop_
_entity.id
_entity.type
_entity.pdbx_description
1 polymer 'Adenosine kinase'
2 non-polymer 2-(6-AMINO-2-FLUORO-PURIN-9-YL)-5-HYDROXYMETHYL-TETRAHYDRO-FURAN-3,4-DIOL
3 water water
#
_entity_poly.entity_id   1
_entity_poly.type   'polypeptide(L)'
_entity_poly.pdbx_seq_one_letter_code
;GTEDLYFQSHMTIAVTGSIATDHLMRFPGRFSEQLLPEHLHKVSLSFLVDDLVMHRGGVAGNMAFAIGVLGGEVALVGAA
GADFADYRDWLKARGVNCDHVLISETAHTARFTCTTDVDMAQIASFYPGAMSEARNIKLADVVSAIGKPELVIIGANDPE
AMFLHTEECRKLGLAFAADPSQQLARLSGEEIRRLVNGAAYLFTNDYEWDLLLSKTGWSEADVMAQIDLRVTTLGPKGVD
LVEPDGTTIHVGVVPETSQTDPTGVGDAFRAGFLTGRSAGLGLERSAQLGSLVAVLVLESTGTQEWQWDYEAAASRLAGA
YGEHAAAEIVAVLA
;
_entity_poly.pdbx_strand_id   A
#
# COMPACT_ATOMS: atom_id res chain seq x y z
N GLU A 3 5.13 13.09 23.63
CA GLU A 3 3.78 12.89 24.13
C GLU A 3 2.85 13.99 23.60
N ASP A 4 2.00 13.64 22.64
CA ASP A 4 1.07 14.60 22.07
C ASP A 4 -0.21 14.63 22.90
N LEU A 5 -0.60 15.83 23.35
CA LEU A 5 -1.75 15.97 24.23
C LEU A 5 -3.04 16.33 23.49
N TYR A 6 -2.95 16.48 22.16
CA TYR A 6 -4.12 16.78 21.34
C TYR A 6 -5.07 15.59 21.33
N PHE A 7 -6.34 15.85 20.98
CA PHE A 7 -7.37 14.82 21.09
C PHE A 7 -7.24 13.71 20.04
N GLN A 8 -7.70 12.52 20.38
CA GLN A 8 -7.61 11.36 19.50
C GLN A 8 -8.69 11.40 18.42
N SER A 9 -8.31 11.14 17.17
CA SER A 9 -9.26 11.16 16.06
C SER A 9 -10.23 10.01 16.22
N HIS A 10 -9.72 8.91 16.78
CA HIS A 10 -10.50 7.74 17.21
C HIS A 10 -11.52 7.19 16.22
N MET A 11 -11.15 6.15 15.48
CA MET A 11 -9.79 5.62 15.42
C MET A 11 -9.41 5.64 13.94
N THR A 12 -9.10 6.83 13.46
CA THR A 12 -8.93 7.07 12.04
C THR A 12 -7.53 6.66 11.62
N ILE A 13 -7.44 6.07 10.44
CA ILE A 13 -6.17 5.86 9.78
C ILE A 13 -6.02 6.97 8.75
N ALA A 14 -4.87 7.67 8.76
CA ALA A 14 -4.58 8.66 7.71
C ALA A 14 -3.69 7.97 6.70
N VAL A 15 -4.10 8.01 5.43
CA VAL A 15 -3.32 7.35 4.38
C VAL A 15 -2.61 8.43 3.56
N THR A 16 -1.28 8.50 3.63
CA THR A 16 -0.54 9.43 2.78
C THR A 16 0.16 8.66 1.68
N GLY A 17 0.27 9.28 0.51
CA GLY A 17 0.83 8.56 -0.62
C GLY A 17 0.17 9.00 -1.91
N SER A 18 0.40 8.24 -2.98
CA SER A 18 0.05 8.77 -4.30
C SER A 18 -1.43 8.61 -4.62
N ILE A 19 -1.89 9.50 -5.51
CA ILE A 19 -3.25 9.53 -6.02
C ILE A 19 -3.04 9.64 -7.52
N ALA A 20 -3.56 8.70 -8.30
CA ALA A 20 -3.19 8.63 -9.71
C ALA A 20 -4.28 8.08 -10.61
N THR A 21 -4.07 8.21 -11.91
CA THR A 21 -4.81 7.40 -12.89
C THR A 21 -3.84 6.32 -13.39
N ASP A 22 -4.28 5.07 -13.35
CA ASP A 22 -3.45 3.95 -13.78
C ASP A 22 -3.81 3.53 -15.20
N HIS A 23 -2.82 3.41 -16.07
CA HIS A 23 -3.02 2.80 -17.38
C HIS A 23 -2.40 1.40 -17.32
N LEU A 24 -3.24 0.36 -17.32
CA LEU A 24 -2.72 -1.00 -17.19
C LEU A 24 -2.78 -1.77 -18.52
N MET A 25 -1.67 -2.38 -18.89
CA MET A 25 -1.53 -3.10 -20.16
C MET A 25 -1.04 -4.52 -19.90
N ARG A 26 -1.30 -5.43 -20.83
CA ARG A 26 -0.81 -6.80 -20.68
C ARG A 26 0.15 -7.18 -21.81
N PHE A 27 1.27 -7.80 -21.44
CA PHE A 27 2.20 -8.37 -22.42
C PHE A 27 2.00 -9.90 -22.45
N PRO A 28 1.58 -10.44 -23.61
CA PRO A 28 1.28 -11.88 -23.68
C PRO A 28 2.53 -12.75 -23.85
N GLY A 29 3.50 -12.54 -22.97
CA GLY A 29 4.79 -13.23 -23.04
C GLY A 29 5.43 -13.12 -21.67
N ARG A 30 6.71 -13.41 -21.61
CA ARG A 30 7.39 -13.52 -20.32
C ARG A 30 8.52 -12.52 -20.26
N PHE A 31 8.50 -11.62 -19.27
CA PHE A 31 9.56 -10.64 -19.14
C PHE A 31 10.91 -11.32 -18.92
N SER A 32 10.92 -12.34 -18.07
CA SER A 32 12.19 -12.99 -17.71
C SER A 32 12.88 -13.57 -18.93
N GLU A 33 12.09 -14.18 -19.81
CA GLU A 33 12.60 -14.79 -21.04
C GLU A 33 13.32 -13.77 -21.91
N GLN A 34 13.00 -12.48 -21.73
CA GLN A 34 13.61 -11.42 -22.51
C GLN A 34 14.78 -10.75 -21.78
N LEU A 35 14.99 -11.13 -20.52
CA LEU A 35 16.02 -10.51 -19.68
C LEU A 35 17.34 -11.31 -19.62
N LEU A 36 18.17 -11.16 -20.64
CA LEU A 36 19.45 -11.87 -20.70
C LEU A 36 20.40 -11.38 -19.60
N PRO A 37 20.77 -12.28 -18.67
CA PRO A 37 21.60 -11.94 -17.50
C PRO A 37 22.85 -11.16 -17.85
N GLU A 38 23.42 -11.40 -19.03
CA GLU A 38 24.63 -10.69 -19.44
C GLU A 38 24.35 -9.34 -20.06
N HIS A 39 23.06 -9.01 -20.22
CA HIS A 39 22.68 -7.73 -20.82
C HIS A 39 21.92 -6.84 -19.85
N LEU A 40 21.78 -7.30 -18.60
CA LEU A 40 21.05 -6.56 -17.58
C LEU A 40 21.81 -5.30 -17.18
N HIS A 41 23.07 -5.20 -17.59
CA HIS A 41 23.89 -4.01 -17.34
C HIS A 41 23.28 -2.79 -18.01
N LYS A 42 22.59 -3.02 -19.12
CA LYS A 42 21.98 -1.92 -19.85
C LYS A 42 20.87 -2.45 -20.75
N VAL A 43 19.70 -2.67 -20.16
CA VAL A 43 18.58 -3.24 -20.89
C VAL A 43 18.12 -2.38 -22.07
N SER A 44 17.49 -3.05 -23.04
CA SER A 44 16.81 -2.38 -24.15
C SER A 44 15.55 -3.20 -24.37
N LEU A 45 14.50 -2.87 -23.65
CA LEU A 45 13.32 -3.69 -23.60
C LEU A 45 12.13 -2.95 -24.19
N SER A 46 11.36 -3.63 -25.04
CA SER A 46 10.12 -3.07 -25.57
C SER A 46 9.08 -4.14 -25.79
N PHE A 47 7.94 -4.00 -25.12
CA PHE A 47 6.92 -5.02 -25.11
C PHE A 47 5.68 -4.56 -25.85
N LEU A 48 5.38 -5.26 -26.94
CA LEU A 48 4.10 -5.08 -27.64
C LEU A 48 2.96 -5.64 -26.80
N VAL A 49 2.05 -4.77 -26.39
CA VAL A 49 0.98 -5.18 -25.48
C VAL A 49 -0.31 -5.40 -26.24
N ASP A 50 -1.23 -6.17 -25.65
CA ASP A 50 -2.45 -6.49 -26.38
C ASP A 50 -3.68 -5.92 -25.70
N ASP A 51 -3.46 -5.09 -24.70
CA ASP A 51 -4.54 -4.59 -23.86
C ASP A 51 -4.11 -3.26 -23.24
N LEU A 52 -5.06 -2.34 -23.08
CA LEU A 52 -4.80 -1.08 -22.36
C LEU A 52 -6.12 -0.59 -21.73
N VAL A 53 -6.14 -0.50 -20.40
CA VAL A 53 -7.35 -0.03 -19.71
C VAL A 53 -6.97 0.95 -18.62
N MET A 54 -7.86 1.88 -18.31
CA MET A 54 -7.56 2.90 -17.32
C MET A 54 -8.41 2.73 -16.07
N HIS A 55 -7.79 2.91 -14.91
CA HIS A 55 -8.45 2.70 -13.63
C HIS A 55 -7.97 3.73 -12.61
N ARG A 56 -8.78 3.97 -11.58
CA ARG A 56 -8.35 4.82 -10.47
C ARG A 56 -7.20 4.15 -9.72
N GLY A 57 -6.21 4.94 -9.30
CA GLY A 57 -5.04 4.36 -8.67
C GLY A 57 -4.31 5.28 -7.71
N GLY A 58 -3.03 4.97 -7.50
CA GLY A 58 -2.23 5.62 -6.47
C GLY A 58 -2.29 4.77 -5.21
N VAL A 59 -1.16 4.57 -4.53
CA VAL A 59 -1.17 3.68 -3.35
C VAL A 59 -2.10 4.19 -2.26
N ALA A 60 -2.19 5.51 -2.11
CA ALA A 60 -3.02 6.08 -1.04
C ALA A 60 -4.50 6.00 -1.38
N GLY A 61 -4.84 6.30 -2.63
CA GLY A 61 -6.20 6.06 -3.10
C GLY A 61 -6.60 4.58 -2.93
N ASN A 62 -5.72 3.66 -3.31
CA ASN A 62 -6.01 2.24 -3.19
C ASN A 62 -6.25 1.81 -1.76
N MET A 63 -5.33 2.18 -0.87
CA MET A 63 -5.44 1.82 0.54
C MET A 63 -6.64 2.49 1.22
N ALA A 64 -6.87 3.78 0.93
CA ALA A 64 -8.03 4.46 1.51
C ALA A 64 -9.35 3.80 1.06
N PHE A 65 -9.45 3.51 -0.23
CA PHE A 65 -10.62 2.84 -0.78
C PHE A 65 -10.93 1.56 -0.03
N ALA A 66 -9.92 0.72 0.18
CA ALA A 66 -10.12 -0.59 0.78
C ALA A 66 -10.50 -0.51 2.26
N ILE A 67 -9.85 0.39 2.97
CA ILE A 67 -10.18 0.64 4.38
C ILE A 67 -11.64 1.10 4.48
N GLY A 68 -12.05 1.97 3.56
CA GLY A 68 -13.42 2.43 3.51
C GLY A 68 -14.41 1.33 3.14
N VAL A 69 -14.07 0.48 2.18
CA VAL A 69 -14.94 -0.63 1.81
C VAL A 69 -15.16 -1.55 3.01
N LEU A 70 -14.07 -1.82 3.74
CA LEU A 70 -14.12 -2.67 4.93
C LEU A 70 -14.80 -1.99 6.12
N GLY A 71 -15.20 -0.74 5.96
CA GLY A 71 -15.96 -0.03 6.97
C GLY A 71 -15.13 0.82 7.93
N GLY A 72 -13.85 0.97 7.64
CA GLY A 72 -12.95 1.73 8.49
C GLY A 72 -13.10 3.23 8.34
N GLU A 73 -12.71 3.97 9.37
CA GLU A 73 -12.64 5.43 9.29
C GLU A 73 -11.27 5.79 8.72
N VAL A 74 -11.28 6.55 7.63
CA VAL A 74 -10.03 6.81 6.93
C VAL A 74 -10.01 8.18 6.25
N ALA A 75 -8.86 8.84 6.34
CA ALA A 75 -8.64 10.10 5.67
C ALA A 75 -7.53 9.95 4.63
N LEU A 76 -7.82 10.42 3.42
CA LEU A 76 -6.85 10.38 2.33
C LEU A 76 -6.08 11.69 2.27
N VAL A 77 -4.76 11.61 2.28
CA VAL A 77 -3.90 12.79 2.34
C VAL A 77 -2.85 12.69 1.23
N GLY A 78 -3.03 13.50 0.19
CA GLY A 78 -2.11 13.48 -0.95
C GLY A 78 -2.46 14.62 -1.89
N ALA A 79 -1.72 14.75 -3.01
CA ALA A 79 -1.92 15.85 -3.94
C ALA A 79 -2.39 15.34 -5.30
N ALA A 80 -3.41 16.00 -5.86
CA ALA A 80 -4.03 15.58 -7.11
C ALA A 80 -4.23 16.82 -7.97
N GLY A 81 -4.60 16.60 -9.23
CA GLY A 81 -4.90 17.71 -10.13
C GLY A 81 -6.35 18.15 -10.01
N ALA A 82 -6.71 19.19 -10.76
CA ALA A 82 -8.07 19.74 -10.72
C ALA A 82 -9.10 18.70 -11.11
N ASP A 83 -8.67 17.70 -11.88
CA ASP A 83 -9.57 16.64 -12.32
C ASP A 83 -10.04 15.74 -11.15
N PHE A 84 -9.53 15.97 -9.94
CA PHE A 84 -9.76 15.08 -8.82
C PHE A 84 -11.22 14.99 -8.34
N ALA A 85 -12.04 15.98 -8.71
CA ALA A 85 -13.44 16.02 -8.25
C ALA A 85 -14.19 14.70 -8.49
N ASP A 86 -14.01 14.12 -9.67
CA ASP A 86 -14.69 12.86 -9.98
C ASP A 86 -14.18 11.69 -9.13
N TYR A 87 -12.87 11.60 -8.98
CA TYR A 87 -12.23 10.54 -8.20
C TYR A 87 -12.66 10.71 -6.75
N ARG A 88 -12.74 11.96 -6.30
CA ARG A 88 -13.23 12.24 -4.94
C ARG A 88 -14.62 11.65 -4.69
N ASP A 89 -15.53 11.80 -5.65
CA ASP A 89 -16.86 11.22 -5.49
C ASP A 89 -16.83 9.70 -5.39
N TRP A 90 -15.98 9.08 -6.19
CA TRP A 90 -15.82 7.63 -6.15
C TRP A 90 -15.32 7.17 -4.77
N LEU A 91 -14.33 7.87 -4.23
CA LEU A 91 -13.83 7.53 -2.90
C LEU A 91 -14.83 7.82 -1.78
N LYS A 92 -15.49 8.98 -1.87
CA LYS A 92 -16.46 9.38 -0.85
C LYS A 92 -17.59 8.36 -0.77
N ALA A 93 -17.92 7.76 -1.92
CA ALA A 93 -18.96 6.74 -1.97
C ALA A 93 -18.63 5.51 -1.13
N ARG A 94 -17.37 5.33 -0.79
CA ARG A 94 -17.00 4.21 0.07
C ARG A 94 -16.55 4.65 1.46
N GLY A 95 -16.90 5.90 1.81
CA GLY A 95 -16.69 6.40 3.16
C GLY A 95 -15.35 7.09 3.37
N VAL A 96 -14.60 7.31 2.30
CA VAL A 96 -13.29 7.96 2.44
C VAL A 96 -13.39 9.48 2.64
N ASN A 97 -12.74 9.98 3.69
CA ASN A 97 -12.65 11.43 3.94
C ASN A 97 -11.58 12.04 3.03
N CYS A 98 -12.02 12.86 2.08
CA CYS A 98 -11.09 13.47 1.12
C CYS A 98 -10.85 14.96 1.38
N ASP A 99 -11.21 15.44 2.56
CA ASP A 99 -11.13 16.89 2.82
C ASP A 99 -9.70 17.41 2.76
N HIS A 100 -8.74 16.53 2.96
CA HIS A 100 -7.35 16.98 3.09
C HIS A 100 -6.49 16.65 1.87
N VAL A 101 -7.14 16.31 0.75
CA VAL A 101 -6.42 16.18 -0.52
C VAL A 101 -6.08 17.59 -1.02
N LEU A 102 -4.81 17.83 -1.31
CA LEU A 102 -4.38 19.11 -1.89
C LEU A 102 -4.69 19.09 -3.38
N ILE A 103 -5.44 20.07 -3.86
CA ILE A 103 -5.74 20.13 -5.28
C ILE A 103 -4.91 21.17 -6.01
N SER A 104 -4.09 20.71 -6.95
CA SER A 104 -3.19 21.59 -7.64
C SER A 104 -3.94 22.57 -8.53
N GLU A 105 -3.47 23.80 -8.54
CA GLU A 105 -4.06 24.82 -9.40
C GLU A 105 -3.55 24.70 -10.83
N THR A 106 -2.43 24.01 -11.04
CA THR A 106 -1.81 24.02 -12.38
C THR A 106 -1.46 22.64 -12.95
N ALA A 107 -1.15 21.70 -12.06
CA ALA A 107 -0.63 20.40 -12.49
C ALA A 107 -1.70 19.31 -12.56
N HIS A 108 -1.37 18.27 -13.30
CA HIS A 108 -2.28 17.18 -13.63
C HIS A 108 -2.10 16.05 -12.61
N THR A 109 -3.19 15.33 -12.33
CA THR A 109 -3.10 14.12 -11.51
C THR A 109 -2.07 13.16 -12.10
N ALA A 110 -1.28 12.53 -11.22
CA ALA A 110 -0.17 11.66 -11.61
C ALA A 110 -0.65 10.54 -12.53
N ARG A 111 0.26 10.04 -13.38
CA ARG A 111 -0.05 8.94 -14.30
C ARG A 111 0.91 7.75 -14.17
N PHE A 112 0.32 6.58 -13.96
CA PHE A 112 1.02 5.31 -13.81
C PHE A 112 0.77 4.55 -15.10
N THR A 113 1.85 4.09 -15.73
CA THR A 113 1.75 3.30 -16.95
C THR A 113 2.44 1.98 -16.68
N CYS A 114 1.68 0.90 -16.70
CA CYS A 114 2.18 -0.36 -16.21
C CYS A 114 1.93 -1.48 -17.21
N THR A 115 2.92 -2.36 -17.35
CA THR A 115 2.80 -3.55 -18.18
C THR A 115 3.01 -4.83 -17.36
N THR A 116 2.04 -5.74 -17.45
CA THR A 116 2.06 -7.00 -16.71
C THR A 116 2.20 -8.19 -17.68
N ASP A 117 3.09 -9.13 -17.35
CA ASP A 117 3.33 -10.28 -18.23
C ASP A 117 2.52 -11.49 -17.80
N VAL A 118 2.72 -12.64 -18.46
CA VAL A 118 1.90 -13.83 -18.13
C VAL A 118 2.18 -14.37 -16.72
N ASP A 119 3.33 -14.04 -16.16
CA ASP A 119 3.71 -14.50 -14.81
C ASP A 119 3.38 -13.49 -13.71
N MET A 120 2.58 -12.48 -14.04
CA MET A 120 2.26 -11.39 -13.09
C MET A 120 3.44 -10.49 -12.71
N ALA A 121 4.56 -10.60 -13.43
CA ALA A 121 5.63 -9.64 -13.27
C ALA A 121 5.13 -8.30 -13.84
N GLN A 122 5.74 -7.20 -13.39
CA GLN A 122 5.29 -5.86 -13.79
C GLN A 122 6.46 -4.91 -13.96
N ILE A 123 6.36 -4.07 -15.00
CA ILE A 123 7.33 -3.02 -15.23
C ILE A 123 6.52 -1.76 -15.52
N ALA A 124 6.87 -0.67 -14.86
CA ALA A 124 6.02 0.52 -14.91
C ALA A 124 6.78 1.82 -14.72
N SER A 125 6.18 2.90 -15.23
CA SER A 125 6.69 4.23 -14.98
C SER A 125 5.61 5.01 -14.22
N PHE A 126 6.03 6.05 -13.52
CA PHE A 126 5.10 6.88 -12.77
C PHE A 126 5.48 8.32 -12.99
N TYR A 127 4.59 9.08 -13.62
CA TYR A 127 4.80 10.50 -13.86
C TYR A 127 4.08 11.28 -12.77
N PRO A 128 4.81 12.06 -11.95
CA PRO A 128 4.19 12.63 -10.76
C PRO A 128 3.15 13.74 -11.00
N GLY A 129 3.41 14.69 -11.89
CA GLY A 129 2.47 15.79 -12.05
C GLY A 129 2.15 16.43 -10.71
N ALA A 130 0.86 16.56 -10.40
CA ALA A 130 0.44 17.19 -9.14
C ALA A 130 0.97 16.52 -7.86
N MET A 131 1.41 15.26 -7.97
CA MET A 131 1.89 14.55 -6.77
C MET A 131 3.06 15.30 -6.12
N SER A 132 3.84 16.00 -6.93
CA SER A 132 5.02 16.68 -6.41
C SER A 132 4.65 17.75 -5.37
N GLU A 133 3.41 18.24 -5.40
CA GLU A 133 2.98 19.24 -4.45
C GLU A 133 2.60 18.67 -3.07
N ALA A 134 2.69 17.35 -2.94
CA ALA A 134 2.38 16.73 -1.64
C ALA A 134 3.36 17.20 -0.56
N ARG A 135 4.54 17.63 -0.99
CA ARG A 135 5.55 18.14 -0.06
C ARG A 135 5.09 19.44 0.60
N ASN A 136 4.03 20.04 0.07
CA ASN A 136 3.45 21.25 0.64
C ASN A 136 2.35 20.97 1.67
N ILE A 137 1.93 19.71 1.78
CA ILE A 137 0.89 19.32 2.74
C ILE A 137 1.48 19.23 4.16
N LYS A 138 0.77 19.81 5.12
CA LYS A 138 1.19 19.74 6.51
C LYS A 138 0.29 18.76 7.27
N LEU A 139 0.83 17.64 7.74
CA LEU A 139 0.02 16.72 8.55
C LEU A 139 -0.51 17.43 9.80
N ALA A 140 0.25 18.38 10.33
CA ALA A 140 -0.21 19.13 11.50
C ALA A 140 -1.60 19.73 11.27
N ASP A 141 -1.84 20.26 10.07
CA ASP A 141 -3.15 20.85 9.76
C ASP A 141 -4.25 19.79 9.69
N VAL A 142 -3.91 18.59 9.23
CA VAL A 142 -4.85 17.47 9.18
C VAL A 142 -5.23 17.04 10.60
N VAL A 143 -4.21 16.88 11.44
CA VAL A 143 -4.42 16.48 12.83
C VAL A 143 -5.22 17.53 13.56
N SER A 144 -4.92 18.79 13.27
CA SER A 144 -5.69 19.91 13.83
C SER A 144 -7.18 19.73 13.56
N ALA A 145 -7.52 19.33 12.34
CA ALA A 145 -8.94 19.25 11.94
C ALA A 145 -9.69 18.02 12.44
N ILE A 146 -9.04 16.85 12.42
CA ILE A 146 -9.75 15.62 12.74
C ILE A 146 -9.23 14.91 13.98
N GLY A 147 -8.24 15.49 14.63
CA GLY A 147 -7.59 14.85 15.78
C GLY A 147 -6.45 13.92 15.40
N LYS A 148 -5.82 13.32 16.39
CA LYS A 148 -4.70 12.41 16.14
C LYS A 148 -5.19 11.07 15.58
N PRO A 149 -4.66 10.68 14.41
CA PRO A 149 -5.01 9.37 13.83
C PRO A 149 -4.38 8.28 14.68
N GLU A 150 -4.98 7.09 14.75
CA GLU A 150 -4.28 6.02 15.44
C GLU A 150 -3.05 5.56 14.67
N LEU A 151 -3.03 5.83 13.37
CA LEU A 151 -1.89 5.44 12.54
C LEU A 151 -1.86 6.28 11.26
N VAL A 152 -0.65 6.65 10.82
CA VAL A 152 -0.48 7.34 9.55
C VAL A 152 0.30 6.38 8.66
N ILE A 153 -0.22 6.07 7.49
CA ILE A 153 0.51 5.25 6.54
C ILE A 153 1.34 6.14 5.62
N ILE A 154 2.64 5.87 5.54
CA ILE A 154 3.54 6.66 4.69
C ILE A 154 3.82 5.85 3.42
N GLY A 155 2.93 5.97 2.44
CA GLY A 155 3.09 5.20 1.21
C GLY A 155 3.94 5.94 0.19
N ALA A 156 4.24 5.26 -0.92
CA ALA A 156 4.98 5.88 -2.03
C ALA A 156 4.32 7.21 -2.37
N ASN A 157 5.14 8.24 -2.53
CA ASN A 157 4.64 9.59 -2.70
C ASN A 157 5.74 10.42 -3.36
N ASP A 158 5.53 11.73 -3.49
CA ASP A 158 6.62 12.64 -3.79
C ASP A 158 7.75 12.30 -2.83
N PRO A 159 8.95 12.00 -3.35
CA PRO A 159 10.01 11.57 -2.42
C PRO A 159 10.27 12.54 -1.25
N GLU A 160 10.27 13.84 -1.51
CA GLU A 160 10.46 14.78 -0.39
C GLU A 160 9.30 14.68 0.60
N ALA A 161 8.07 14.60 0.08
CA ALA A 161 6.89 14.45 0.94
C ALA A 161 6.97 13.23 1.86
N MET A 162 7.51 12.11 1.35
CA MET A 162 7.59 10.91 2.19
C MET A 162 8.42 11.17 3.46
N PHE A 163 9.52 11.88 3.29
CA PHE A 163 10.35 12.18 4.46
C PHE A 163 9.71 13.25 5.35
N LEU A 164 9.17 14.31 4.76
CA LEU A 164 8.52 15.38 5.53
C LEU A 164 7.35 14.83 6.35
N HIS A 165 6.57 13.93 5.76
CA HIS A 165 5.41 13.37 6.45
C HIS A 165 5.90 12.53 7.62
N THR A 166 6.97 11.77 7.39
CA THR A 166 7.51 10.90 8.41
C THR A 166 8.05 11.73 9.57
N GLU A 167 8.82 12.77 9.24
CA GLU A 167 9.32 13.70 10.25
C GLU A 167 8.19 14.34 11.06
N GLU A 168 7.09 14.68 10.38
CA GLU A 168 5.95 15.26 11.08
C GLU A 168 5.34 14.25 12.06
N CYS A 169 5.29 12.98 11.65
CA CYS A 169 4.73 11.95 12.52
C CYS A 169 5.61 11.82 13.75
N ARG A 170 6.91 11.91 13.53
CA ARG A 170 7.87 11.76 14.61
C ARG A 170 7.75 12.90 15.62
N LYS A 171 7.60 14.13 15.14
CA LYS A 171 7.48 15.25 16.09
C LYS A 171 6.08 15.38 16.71
N LEU A 172 5.04 14.95 15.99
CA LEU A 172 3.69 14.93 16.53
C LEU A 172 3.39 13.68 17.35
N GLY A 173 4.34 12.76 17.40
CA GLY A 173 4.16 11.53 18.16
C GLY A 173 3.05 10.64 17.63
N LEU A 174 2.88 10.64 16.30
CA LEU A 174 1.90 9.77 15.67
C LEU A 174 2.57 8.46 15.29
N ALA A 175 1.88 7.34 15.53
CA ALA A 175 2.39 6.07 15.08
C ALA A 175 2.32 6.07 13.57
N PHE A 176 3.34 5.50 12.93
CA PHE A 176 3.32 5.44 11.48
C PHE A 176 3.79 4.10 10.93
N ALA A 177 3.32 3.81 9.73
CA ALA A 177 3.74 2.62 9.00
C ALA A 177 4.58 3.09 7.82
N ALA A 178 5.82 2.59 7.74
CA ALA A 178 6.67 2.91 6.63
C ALA A 178 6.30 1.93 5.52
N ASP A 179 5.82 2.47 4.39
CA ASP A 179 5.41 1.66 3.24
C ASP A 179 6.00 2.24 1.95
N PRO A 180 7.34 2.27 1.87
CA PRO A 180 7.98 2.96 0.75
C PRO A 180 7.96 2.14 -0.54
N SER A 181 7.57 0.87 -0.45
CA SER A 181 7.61 -0.09 -1.56
C SER A 181 7.80 0.49 -2.96
N GLN A 182 6.76 1.13 -3.50
CA GLN A 182 6.77 1.56 -4.89
C GLN A 182 7.85 2.59 -5.23
N GLN A 183 8.41 3.25 -4.22
CA GLN A 183 9.37 4.32 -4.48
C GLN A 183 10.81 3.90 -4.22
N LEU A 184 11.01 2.65 -3.80
CA LEU A 184 12.35 2.19 -3.42
C LEU A 184 13.35 2.30 -4.57
N ALA A 185 12.87 2.13 -5.80
CA ALA A 185 13.73 2.27 -6.97
C ALA A 185 14.28 3.68 -7.11
N ARG A 186 13.44 4.69 -6.82
CA ARG A 186 13.85 6.09 -6.98
C ARG A 186 14.68 6.62 -5.80
N LEU A 187 14.37 6.14 -4.60
CA LEU A 187 14.99 6.66 -3.36
C LEU A 187 16.44 6.21 -3.19
N SER A 188 17.32 7.13 -2.80
CA SER A 188 18.69 6.76 -2.45
C SER A 188 18.72 6.02 -1.11
N GLY A 189 19.83 5.31 -0.83
CA GLY A 189 19.96 4.58 0.42
C GLY A 189 19.79 5.51 1.61
N GLU A 190 20.30 6.73 1.48
CA GLU A 190 20.14 7.75 2.51
C GLU A 190 18.66 8.09 2.70
N GLU A 191 17.95 8.25 1.57
CA GLU A 191 16.51 8.55 1.58
C GLU A 191 15.66 7.42 2.16
N ILE A 192 16.04 6.17 1.90
CA ILE A 192 15.35 5.04 2.50
C ILE A 192 15.62 4.98 4.02
N ARG A 193 16.88 5.14 4.42
CA ARG A 193 17.23 5.00 5.84
C ARG A 193 16.46 5.92 6.78
N ARG A 194 16.16 7.14 6.30
CA ARG A 194 15.51 8.13 7.15
C ARG A 194 13.99 7.97 7.25
N LEU A 195 13.43 6.93 6.62
CA LEU A 195 11.99 6.70 6.65
C LEU A 195 11.64 5.61 7.64
N VAL A 196 12.66 4.93 8.15
CA VAL A 196 12.45 3.66 8.85
C VAL A 196 12.38 3.76 10.40
N ASN A 197 13.26 4.54 11.02
CA ASN A 197 13.36 4.55 12.48
C ASN A 197 12.08 4.88 13.21
N GLY A 198 11.67 3.99 14.11
CA GLY A 198 10.50 4.25 14.94
C GLY A 198 9.18 3.84 14.32
N ALA A 199 9.26 3.21 13.14
CA ALA A 199 8.05 2.77 12.45
C ALA A 199 7.31 1.69 13.24
N ALA A 200 6.01 1.86 13.40
CA ALA A 200 5.16 0.83 13.99
C ALA A 200 5.18 -0.43 13.12
N TYR A 201 5.16 -0.22 11.81
CA TYR A 201 5.19 -1.32 10.85
C TYR A 201 6.09 -0.91 9.72
N LEU A 202 6.85 -1.85 9.19
CA LEU A 202 7.49 -1.69 7.88
C LEU A 202 6.87 -2.73 6.95
N PHE A 203 6.31 -2.27 5.83
CA PHE A 203 5.67 -3.16 4.85
C PHE A 203 6.50 -3.18 3.58
N THR A 204 6.80 -4.38 3.05
CA THR A 204 7.39 -4.55 1.71
C THR A 204 7.07 -5.96 1.22
N ASN A 205 7.35 -6.23 -0.05
CA ASN A 205 7.47 -7.63 -0.48
C ASN A 205 8.95 -8.05 -0.39
N ASP A 206 9.25 -9.31 -0.70
CA ASP A 206 10.60 -9.81 -0.46
C ASP A 206 11.63 -9.18 -1.38
N TYR A 207 11.23 -8.90 -2.62
CA TYR A 207 12.14 -8.22 -3.56
C TYR A 207 12.53 -6.87 -2.97
N GLU A 208 11.51 -6.11 -2.60
CA GLU A 208 11.69 -4.79 -2.00
C GLU A 208 12.51 -4.87 -0.72
N TRP A 209 12.31 -5.92 0.07
CA TRP A 209 13.10 -6.09 1.29
C TRP A 209 14.58 -6.23 0.95
N ASP A 210 14.89 -7.04 -0.06
CA ASP A 210 16.27 -7.17 -0.55
C ASP A 210 16.81 -5.88 -1.13
N LEU A 211 15.99 -5.20 -1.90
CA LEU A 211 16.38 -3.91 -2.47
C LEU A 211 16.69 -2.92 -1.35
N LEU A 212 15.82 -2.86 -0.35
CA LEU A 212 16.00 -1.95 0.79
C LEU A 212 17.33 -2.23 1.48
N LEU A 213 17.57 -3.49 1.82
CA LEU A 213 18.80 -3.85 2.50
C LEU A 213 20.01 -3.57 1.61
N SER A 214 19.86 -3.84 0.32
CA SER A 214 20.93 -3.59 -0.64
C SER A 214 21.30 -2.12 -0.77
N LYS A 215 20.30 -1.24 -0.77
CA LYS A 215 20.58 0.18 -0.92
C LYS A 215 20.89 0.89 0.41
N THR A 216 20.30 0.43 1.51
CA THR A 216 20.57 1.04 2.83
C THR A 216 21.95 0.65 3.37
N GLY A 217 22.44 -0.52 2.97
CA GLY A 217 23.67 -1.06 3.50
C GLY A 217 23.42 -1.70 4.84
N TRP A 218 22.14 -1.77 5.20
CA TRP A 218 21.71 -2.35 6.46
C TRP A 218 21.60 -3.86 6.43
N SER A 219 21.77 -4.46 7.60
CA SER A 219 21.49 -5.87 7.81
C SER A 219 20.07 -5.93 8.33
N GLU A 220 19.46 -7.12 8.33
CA GLU A 220 18.11 -7.26 8.87
C GLU A 220 18.06 -6.81 10.34
N ALA A 221 19.15 -7.11 11.07
CA ALA A 221 19.26 -6.74 12.47
C ALA A 221 19.23 -5.22 12.68
N ASP A 222 19.95 -4.50 11.82
CA ASP A 222 19.93 -3.04 11.84
C ASP A 222 18.51 -2.51 11.73
N VAL A 223 17.71 -3.14 10.87
CA VAL A 223 16.33 -2.70 10.68
C VAL A 223 15.42 -3.06 11.86
N MET A 224 15.48 -4.32 12.29
CA MET A 224 14.56 -4.80 13.34
C MET A 224 14.72 -4.04 14.65
N ALA A 225 15.90 -3.44 14.85
CA ALA A 225 16.18 -2.64 16.05
C ALA A 225 15.49 -1.28 16.04
N GLN A 226 14.94 -0.91 14.88
CA GLN A 226 14.36 0.42 14.71
C GLN A 226 12.84 0.41 14.56
N ILE A 227 12.25 -0.77 14.38
CA ILE A 227 10.82 -0.87 14.06
C ILE A 227 10.10 -1.81 15.02
N ASP A 228 8.78 -1.69 15.12
CA ASP A 228 8.03 -2.57 16.01
C ASP A 228 7.64 -3.88 15.33
N LEU A 229 7.52 -3.85 14.00
CA LEU A 229 7.14 -5.06 13.27
C LEU A 229 7.51 -4.95 11.78
N ARG A 230 8.09 -6.02 11.24
CA ARG A 230 8.34 -6.10 9.79
C ARG A 230 7.32 -7.00 9.12
N VAL A 231 6.65 -6.50 8.08
CA VAL A 231 5.68 -7.30 7.35
C VAL A 231 6.17 -7.43 5.93
N THR A 232 6.47 -8.67 5.53
CA THR A 232 7.08 -8.93 4.25
C THR A 232 6.24 -9.93 3.48
N THR A 233 5.53 -9.47 2.44
CA THR A 233 4.73 -10.38 1.64
C THR A 233 5.64 -11.25 0.77
N LEU A 234 5.23 -12.49 0.51
CA LEU A 234 6.09 -13.46 -0.16
C LEU A 234 5.47 -14.02 -1.44
N GLY A 235 4.64 -13.24 -2.11
CA GLY A 235 3.94 -13.71 -3.30
C GLY A 235 3.06 -14.91 -2.99
N PRO A 236 3.24 -16.00 -3.74
CA PRO A 236 2.41 -17.21 -3.58
C PRO A 236 2.69 -17.95 -2.27
N LYS A 237 3.76 -17.55 -1.58
CA LYS A 237 4.12 -18.15 -0.30
C LYS A 237 3.55 -17.40 0.92
N GLY A 238 2.71 -16.39 0.69
CA GLY A 238 1.99 -15.74 1.79
C GLY A 238 2.68 -14.49 2.34
N VAL A 239 2.74 -14.40 3.67
CA VAL A 239 3.38 -13.23 4.32
C VAL A 239 4.05 -13.62 5.63
N ASP A 240 5.22 -13.01 5.89
CA ASP A 240 5.93 -13.13 7.17
C ASP A 240 5.68 -11.88 7.99
N LEU A 241 5.31 -12.07 9.25
CA LEU A 241 5.24 -10.96 10.20
C LEU A 241 6.31 -11.20 11.27
N VAL A 242 7.30 -10.32 11.33
CA VAL A 242 8.48 -10.58 12.17
C VAL A 242 8.65 -9.50 13.25
N GLU A 243 8.76 -9.95 14.50
CA GLU A 243 8.96 -9.05 15.63
C GLU A 243 10.46 -8.79 15.80
N PRO A 244 10.83 -7.74 16.57
CA PRO A 244 12.27 -7.48 16.64
C PRO A 244 13.15 -8.63 17.17
N ASP A 245 12.55 -9.67 17.78
CA ASP A 245 13.33 -10.74 18.40
C ASP A 245 14.28 -11.54 17.47
N GLY A 246 13.76 -12.27 16.46
CA GLY A 246 12.38 -12.16 16.00
C GLY A 246 11.45 -13.36 15.88
N THR A 247 10.52 -13.45 16.83
CA THR A 247 9.31 -14.22 16.70
C THR A 247 8.73 -13.95 15.31
N THR A 248 8.44 -15.02 14.56
CA THR A 248 7.90 -14.87 13.20
C THR A 248 6.57 -15.59 13.07
N ILE A 249 5.54 -14.86 12.66
CA ILE A 249 4.26 -15.46 12.33
C ILE A 249 4.16 -15.50 10.81
N HIS A 250 3.83 -16.67 10.25
CA HIS A 250 3.64 -16.78 8.81
C HIS A 250 2.21 -17.15 8.47
N VAL A 251 1.65 -16.49 7.46
CA VAL A 251 0.29 -16.76 6.98
C VAL A 251 0.34 -17.00 5.47
N GLY A 252 -0.23 -18.12 5.02
CA GLY A 252 -0.20 -18.46 3.60
C GLY A 252 -1.28 -17.71 2.84
N VAL A 253 -1.18 -17.67 1.51
CA VAL A 253 -2.16 -16.97 0.68
C VAL A 253 -3.56 -17.57 0.77
N VAL A 254 -4.57 -16.78 0.40
CA VAL A 254 -5.87 -17.36 0.03
C VAL A 254 -5.75 -17.75 -1.44
N PRO A 255 -5.97 -19.05 -1.74
CA PRO A 255 -5.76 -19.57 -3.10
C PRO A 255 -6.64 -18.85 -4.12
N GLU A 256 -6.03 -18.47 -5.25
CA GLU A 256 -6.72 -17.68 -6.27
C GLU A 256 -7.48 -18.56 -7.24
N THR A 257 -8.53 -17.99 -7.83
CA THR A 257 -9.27 -18.68 -8.90
C THR A 257 -8.76 -18.17 -10.25
N SER A 258 -8.04 -17.07 -10.22
CA SER A 258 -7.40 -16.54 -11.41
C SER A 258 -6.23 -15.66 -11.00
N GLN A 259 -5.28 -15.48 -11.90
CA GLN A 259 -4.28 -14.44 -11.75
C GLN A 259 -4.56 -13.43 -12.86
N THR A 260 -5.48 -12.51 -12.59
CA THR A 260 -5.91 -11.53 -13.58
C THR A 260 -4.96 -10.33 -13.70
N ASP A 261 -4.79 -9.60 -12.60
CA ASP A 261 -4.00 -8.37 -12.61
C ASP A 261 -3.50 -8.11 -11.19
N PRO A 262 -2.18 -8.08 -11.01
CA PRO A 262 -1.66 -8.03 -9.63
C PRO A 262 -1.51 -6.60 -9.11
N THR A 263 -1.81 -5.60 -9.93
CA THR A 263 -1.71 -4.20 -9.50
C THR A 263 -2.57 -3.96 -8.28
N GLY A 264 -1.98 -3.39 -7.23
CA GLY A 264 -2.72 -3.00 -6.04
C GLY A 264 -2.93 -4.11 -5.02
N VAL A 265 -2.37 -5.29 -5.29
CA VAL A 265 -2.54 -6.43 -4.37
C VAL A 265 -1.88 -6.14 -3.00
N GLY A 266 -0.66 -5.60 -3.03
CA GLY A 266 0.00 -5.17 -1.81
C GLY A 266 -0.78 -4.11 -1.06
N ASP A 267 -1.33 -3.14 -1.77
CA ASP A 267 -2.09 -2.07 -1.11
C ASP A 267 -3.28 -2.67 -0.38
N ALA A 268 -3.96 -3.60 -1.04
CA ALA A 268 -5.13 -4.25 -0.47
C ALA A 268 -4.75 -5.08 0.75
N PHE A 269 -3.66 -5.86 0.67
CA PHE A 269 -3.21 -6.61 1.84
C PHE A 269 -3.00 -5.68 3.03
N ARG A 270 -2.25 -4.60 2.79
CA ARG A 270 -1.97 -3.61 3.83
C ARG A 270 -3.22 -3.00 4.46
N ALA A 271 -4.19 -2.63 3.63
CA ALA A 271 -5.45 -2.06 4.12
C ALA A 271 -6.25 -3.07 4.97
N GLY A 272 -6.40 -4.30 4.47
CA GLY A 272 -7.09 -5.33 5.22
C GLY A 272 -6.39 -5.64 6.53
N PHE A 273 -5.08 -5.83 6.46
CA PHE A 273 -4.28 -6.13 7.64
C PHE A 273 -4.41 -5.03 8.69
N LEU A 274 -4.21 -3.78 8.27
CA LEU A 274 -4.29 -2.66 9.20
C LEU A 274 -5.71 -2.50 9.76
N THR A 275 -6.71 -2.73 8.90
CA THR A 275 -8.11 -2.71 9.33
C THR A 275 -8.30 -3.78 10.41
N GLY A 276 -7.70 -4.94 10.21
CA GLY A 276 -7.76 -6.00 11.18
C GLY A 276 -7.13 -5.56 12.49
N ARG A 277 -5.96 -4.92 12.39
CA ARG A 277 -5.22 -4.52 13.58
C ARG A 277 -5.99 -3.45 14.34
N SER A 278 -6.68 -2.59 13.60
CA SER A 278 -7.45 -1.51 14.21
C SER A 278 -8.63 -2.04 15.03
N ALA A 279 -9.16 -3.19 14.61
CA ALA A 279 -10.32 -3.78 15.26
C ALA A 279 -9.89 -4.80 16.31
N GLY A 280 -8.62 -4.75 16.70
CA GLY A 280 -8.14 -5.58 17.78
C GLY A 280 -7.88 -7.03 17.44
N LEU A 281 -7.82 -7.38 16.16
CA LEU A 281 -7.38 -8.73 15.80
C LEU A 281 -5.87 -8.84 16.01
N GLY A 282 -5.39 -10.05 16.24
CA GLY A 282 -3.97 -10.29 16.38
C GLY A 282 -3.30 -10.31 15.02
N LEU A 283 -1.99 -10.51 15.01
CA LEU A 283 -1.18 -10.47 13.80
C LEU A 283 -1.59 -11.54 12.79
N GLU A 284 -1.79 -12.77 13.26
CA GLU A 284 -2.19 -13.84 12.36
C GLU A 284 -3.55 -13.55 11.70
N ARG A 285 -4.53 -13.18 12.51
CA ARG A 285 -5.89 -12.95 12.00
C ARG A 285 -5.93 -11.74 11.07
N SER A 286 -5.09 -10.75 11.36
CA SER A 286 -5.07 -9.54 10.54
C SER A 286 -4.49 -9.84 9.16
N ALA A 287 -3.44 -10.67 9.12
CA ALA A 287 -2.83 -11.05 7.85
C ALA A 287 -3.74 -11.98 7.04
N GLN A 288 -4.60 -12.72 7.73
CA GLN A 288 -5.57 -13.58 7.06
C GLN A 288 -6.64 -12.75 6.35
N LEU A 289 -7.17 -11.74 7.05
CA LEU A 289 -8.07 -10.78 6.42
C LEU A 289 -7.37 -10.07 5.27
N GLY A 290 -6.13 -9.62 5.49
CA GLY A 290 -5.36 -8.96 4.45
C GLY A 290 -5.20 -9.81 3.20
N SER A 291 -4.94 -11.10 3.40
CA SER A 291 -4.69 -12.03 2.29
C SER A 291 -5.92 -12.19 1.42
N LEU A 292 -7.08 -12.02 2.03
CA LEU A 292 -8.37 -12.15 1.33
C LEU A 292 -8.63 -10.95 0.43
N VAL A 293 -8.56 -9.74 0.99
CA VAL A 293 -8.69 -8.53 0.17
C VAL A 293 -7.64 -8.54 -0.94
N ALA A 294 -6.43 -9.00 -0.62
CA ALA A 294 -5.36 -9.13 -1.60
C ALA A 294 -5.75 -10.01 -2.80
N VAL A 295 -6.29 -11.20 -2.53
CA VAL A 295 -6.62 -12.10 -3.65
C VAL A 295 -7.80 -11.57 -4.48
N LEU A 296 -8.73 -10.89 -3.83
CA LEU A 296 -9.86 -10.23 -4.50
C LEU A 296 -9.38 -9.17 -5.51
N VAL A 297 -8.30 -8.48 -5.17
CA VAL A 297 -7.69 -7.54 -6.10
C VAL A 297 -7.00 -8.28 -7.23
N LEU A 298 -6.30 -9.38 -6.89
CA LEU A 298 -5.59 -10.18 -7.88
C LEU A 298 -6.55 -10.72 -8.94
N GLU A 299 -7.79 -10.98 -8.51
CA GLU A 299 -8.78 -11.63 -9.36
C GLU A 299 -9.59 -10.63 -10.20
N SER A 300 -9.32 -9.34 -10.01
CA SER A 300 -9.99 -8.29 -10.76
C SER A 300 -8.99 -7.36 -11.46
N THR A 301 -9.43 -6.67 -12.51
CA THR A 301 -8.54 -5.75 -13.21
C THR A 301 -8.70 -4.34 -12.63
N GLY A 302 -7.60 -3.73 -12.26
CA GLY A 302 -7.65 -2.46 -11.56
C GLY A 302 -7.50 -2.70 -10.07
N THR A 303 -7.35 -1.64 -9.31
CA THR A 303 -6.97 -1.76 -7.90
C THR A 303 -8.17 -1.60 -6.98
N GLN A 304 -9.23 -0.98 -7.50
CA GLN A 304 -10.39 -0.65 -6.69
C GLN A 304 -11.64 -1.19 -7.38
N GLU A 305 -11.47 -2.25 -8.18
CA GLU A 305 -12.58 -2.81 -8.96
C GLU A 305 -13.08 -4.13 -8.37
N TRP A 306 -12.72 -4.37 -7.12
CA TRP A 306 -13.18 -5.56 -6.41
C TRP A 306 -14.43 -5.26 -5.59
N GLN A 307 -15.23 -6.30 -5.31
CA GLN A 307 -16.41 -6.13 -4.45
C GLN A 307 -16.24 -6.84 -3.12
N TRP A 308 -17.03 -6.44 -2.14
CA TRP A 308 -16.96 -7.01 -0.81
C TRP A 308 -18.27 -7.67 -0.39
N ASP A 309 -18.36 -8.99 -0.56
CA ASP A 309 -19.51 -9.75 -0.10
C ASP A 309 -19.17 -10.44 1.22
N TYR A 310 -19.88 -10.05 2.28
CA TYR A 310 -19.61 -10.54 3.62
C TYR A 310 -19.72 -12.07 3.71
N GLU A 311 -20.72 -12.65 3.06
CA GLU A 311 -20.89 -14.10 3.09
C GLU A 311 -19.82 -14.82 2.28
N ALA A 312 -19.49 -14.29 1.10
CA ALA A 312 -18.44 -14.88 0.27
C ALA A 312 -17.09 -14.86 0.97
N ALA A 313 -16.87 -13.79 1.74
CA ALA A 313 -15.63 -13.61 2.49
C ALA A 313 -15.45 -14.68 3.56
N ALA A 314 -16.50 -14.93 4.33
CA ALA A 314 -16.46 -15.91 5.43
C ALA A 314 -16.17 -17.30 4.88
N SER A 315 -16.86 -17.67 3.81
CA SER A 315 -16.67 -18.95 3.15
C SER A 315 -15.24 -19.15 2.63
N ARG A 316 -14.68 -18.13 1.99
CA ARG A 316 -13.31 -18.22 1.49
C ARG A 316 -12.29 -18.30 2.61
N LEU A 317 -12.50 -17.51 3.66
CA LEU A 317 -11.59 -17.50 4.79
C LEU A 317 -11.59 -18.87 5.48
N ALA A 318 -12.78 -19.44 5.58
CA ALA A 318 -12.98 -20.79 6.10
C ALA A 318 -12.18 -21.81 5.28
N GLY A 319 -12.30 -21.72 3.97
CA GLY A 319 -11.62 -22.64 3.08
C GLY A 319 -10.10 -22.64 3.17
N ALA A 320 -9.51 -21.47 3.40
CA ALA A 320 -8.05 -21.39 3.43
C ALA A 320 -7.49 -21.51 4.83
N TYR A 321 -8.23 -21.02 5.82
CA TYR A 321 -7.69 -20.89 7.17
C TYR A 321 -8.47 -21.66 8.25
N GLY A 322 -9.65 -22.16 7.89
CA GLY A 322 -10.47 -22.89 8.84
C GLY A 322 -11.53 -22.05 9.52
N GLU A 323 -12.46 -22.74 10.17
CA GLU A 323 -13.68 -22.13 10.71
C GLU A 323 -13.44 -21.10 11.80
N HIS A 324 -12.38 -21.27 12.59
CA HIS A 324 -12.11 -20.35 13.68
C HIS A 324 -11.70 -18.98 13.15
N ALA A 325 -10.69 -18.96 12.28
CA ALA A 325 -10.21 -17.74 11.64
C ALA A 325 -11.36 -16.94 11.02
N ALA A 326 -12.15 -17.62 10.18
CA ALA A 326 -13.27 -16.98 9.47
C ALA A 326 -14.29 -16.31 10.39
N ALA A 327 -14.59 -16.96 11.50
CA ALA A 327 -15.59 -16.47 12.44
C ALA A 327 -15.07 -15.28 13.25
N GLU A 328 -13.82 -15.36 13.66
CA GLU A 328 -13.17 -14.27 14.43
C GLU A 328 -13.04 -13.02 13.56
N ILE A 329 -12.63 -13.23 12.30
CA ILE A 329 -12.45 -12.12 11.36
C ILE A 329 -13.77 -11.42 11.05
N VAL A 330 -14.74 -12.19 10.55
CA VAL A 330 -16.02 -11.62 10.09
C VAL A 330 -16.78 -10.90 11.22
N ALA A 331 -16.57 -11.37 12.44
CA ALA A 331 -17.21 -10.75 13.61
C ALA A 331 -16.70 -9.33 13.82
N VAL A 332 -15.40 -9.14 13.59
CA VAL A 332 -14.75 -7.85 13.81
C VAL A 332 -15.26 -6.75 12.88
N LEU A 333 -15.79 -7.15 11.72
CA LEU A 333 -16.20 -6.19 10.69
C LEU A 333 -17.67 -5.79 10.83
#